data_3T6Y
#
_entry.id   3T6Y
#
_cell.length_a   76.830
_cell.length_b   76.830
_cell.length_c   106.130
_cell.angle_alpha   90.00
_cell.angle_beta   90.00
_cell.angle_gamma   90.00
#
_symmetry.space_group_name_H-M   'P 41'
#
loop_
_entity.id
_entity.type
_entity.pdbx_description
1 polymer "Deoxyuridine 5'-triphosphate nucleotidohydrolase, putative"
2 polymer 'peptide ALA-HIS-ALA'
3 non-polymer "2',5'-dideoxy-5'-{[(R)-(1-methyl-1H-imidazol-2-yl)(phenyl)methyl]amino}uridine"
4 non-polymer 'SULFATE ION'
5 water water
#
loop_
_entity_poly.entity_id
_entity_poly.type
_entity_poly.pdbx_seq_one_letter_code
_entity_poly.pdbx_strand_id
1 'polypeptide(L)'
;MHLKIVCLSDEVREMYKNHKTHHEGDSGLDLFIVKDEVLKPKSTTFVKLGIKAIALQYKSNYYYKCEKSENKKKDDDKSN
IVNTSFLLFPRSSISKTPLRLANSIGLIDAGYRGEIIAALDNTSDQEYHIKKNDKLVQLVSFTGEPLSFELVEELDETSR
GEGGFGSTSNNKYEAHHHHHH
;
A,B,C
2 'polypeptide(L)' AHA F
#
loop_
_chem_comp.id
_chem_comp.type
_chem_comp.name
_chem_comp.formula
DU2 non-polymer 2',5'-dideoxy-5'-{[(R)-(1-methyl-1H-imidazol-2-yl)(phenyl)methyl]amino}uridine 'C20 H23 N5 O4'
SO4 non-polymer 'SULFATE ION' 'O4 S -2'
#
# COMPACT_ATOMS: atom_id res chain seq x y z
N MET A 1 -16.98 2.07 -3.42
CA MET A 1 -16.48 2.17 -4.80
C MET A 1 -17.04 0.97 -5.53
N HIS A 2 -17.37 1.15 -6.80
CA HIS A 2 -18.00 0.07 -7.53
C HIS A 2 -17.16 -0.39 -8.70
N LEU A 3 -16.85 -1.68 -8.75
CA LEU A 3 -16.03 -2.22 -9.83
C LEU A 3 -16.87 -2.83 -10.95
N LYS A 4 -16.64 -2.41 -12.19
CA LYS A 4 -17.21 -3.17 -13.30
C LYS A 4 -16.06 -4.05 -13.75
N ILE A 5 -16.29 -5.36 -13.78
CA ILE A 5 -15.24 -6.33 -14.09
C ILE A 5 -15.59 -7.09 -15.37
N VAL A 6 -14.68 -7.21 -16.31
CA VAL A 6 -14.93 -8.04 -17.46
C VAL A 6 -14.10 -9.32 -17.38
N CYS A 7 -14.74 -10.48 -17.34
CA CYS A 7 -14.03 -11.77 -17.28
C CYS A 7 -13.60 -12.22 -18.66
N LEU A 8 -12.33 -12.58 -18.84
CA LEU A 8 -11.79 -12.84 -20.17
C LEU A 8 -12.01 -14.25 -20.70
N SER A 9 -12.79 -15.05 -19.98
CA SER A 9 -13.10 -16.40 -20.43
C SER A 9 -14.26 -16.95 -19.61
N ASP A 10 -14.90 -18.00 -20.11
CA ASP A 10 -16.07 -18.52 -19.44
C ASP A 10 -15.73 -19.10 -18.11
N GLU A 11 -14.59 -19.78 -18.10
CA GLU A 11 -14.10 -20.37 -16.88
C GLU A 11 -14.05 -19.30 -15.78
N VAL A 12 -13.42 -18.14 -16.10
CA VAL A 12 -13.30 -17.02 -15.13
C VAL A 12 -14.67 -16.44 -14.75
N ARG A 13 -15.55 -16.31 -15.74
CA ARG A 13 -16.90 -15.85 -15.46
C ARG A 13 -17.60 -16.62 -14.35
N GLU A 14 -17.49 -17.95 -14.35
CA GLU A 14 -18.15 -18.78 -13.32
C GLU A 14 -17.58 -18.53 -11.93
N MET A 15 -16.28 -18.27 -11.87
CA MET A 15 -15.59 -18.10 -10.60
C MET A 15 -16.08 -16.84 -9.95
N TYR A 16 -16.44 -15.88 -10.79
CA TYR A 16 -16.94 -14.62 -10.26
C TYR A 16 -18.44 -14.55 -10.03
N LYS A 17 -19.26 -15.38 -10.70
CA LYS A 17 -20.68 -15.55 -10.25
C LYS A 17 -20.78 -16.12 -8.80
N ASN A 18 -19.94 -17.10 -8.53
CA ASN A 18 -19.79 -17.78 -7.22
C ASN A 18 -18.95 -17.00 -6.18
N HIS A 19 -19.25 -15.72 -5.89
CA HIS A 19 -18.29 -14.96 -5.09
C HIS A 19 -18.63 -14.58 -3.66
N LYS A 20 -17.77 -15.06 -2.75
CA LYS A 20 -17.81 -14.76 -1.29
C LYS A 20 -16.80 -13.66 -0.82
N GLY A 25 -20.00 -4.94 2.96
CA GLY A 25 -19.24 -4.21 3.98
C GLY A 25 -17.70 -4.20 3.87
N ASP A 26 -17.14 -4.88 2.87
CA ASP A 26 -15.70 -5.15 2.88
C ASP A 26 -14.86 -4.19 2.03
N SER A 27 -13.60 -4.01 2.44
CA SER A 27 -12.72 -3.02 1.86
C SER A 27 -11.83 -3.49 0.74
N GLY A 28 -11.59 -4.80 0.66
CA GLY A 28 -10.85 -5.38 -0.43
C GLY A 28 -11.72 -6.41 -1.11
N LEU A 29 -11.63 -6.53 -2.43
CA LEU A 29 -12.26 -7.59 -3.17
C LEU A 29 -11.21 -8.66 -3.59
N ASP A 30 -11.31 -9.90 -3.12
CA ASP A 30 -10.29 -10.89 -3.44
C ASP A 30 -10.38 -11.22 -4.91
N LEU A 31 -9.23 -11.39 -5.58
CA LEU A 31 -9.18 -11.86 -6.97
C LEU A 31 -8.61 -13.30 -6.97
N PHE A 32 -9.11 -14.13 -7.88
CA PHE A 32 -8.75 -15.54 -7.98
C PHE A 32 -7.55 -15.70 -8.83
N ILE A 33 -6.69 -16.67 -8.48
CA ILE A 33 -5.73 -17.20 -9.45
C ILE A 33 -6.62 -18.02 -10.39
N VAL A 34 -6.45 -17.88 -11.69
CA VAL A 34 -7.44 -18.49 -12.59
C VAL A 34 -6.99 -19.69 -13.41
N LYS A 35 -5.77 -20.17 -13.16
CA LYS A 35 -5.13 -21.21 -13.98
C LYS A 35 -3.99 -21.81 -13.15
N ASP A 36 -3.95 -23.15 -13.05
CA ASP A 36 -2.84 -23.82 -12.33
C ASP A 36 -1.56 -23.39 -12.99
N GLU A 37 -0.60 -22.97 -12.20
CA GLU A 37 0.62 -22.40 -12.77
C GLU A 37 1.83 -22.76 -11.89
N VAL A 38 2.93 -23.17 -12.50
CA VAL A 38 4.16 -23.41 -11.70
C VAL A 38 5.01 -22.16 -11.79
N LEU A 39 5.44 -21.61 -10.67
CA LEU A 39 6.31 -20.41 -10.57
C LEU A 39 7.77 -20.80 -10.28
N LYS A 40 8.71 -20.35 -11.11
CA LYS A 40 10.07 -20.84 -10.99
C LYS A 40 10.68 -20.39 -9.67
N PRO A 41 11.69 -21.12 -9.16
CA PRO A 41 12.36 -20.68 -7.96
C PRO A 41 13.11 -19.36 -8.20
N LYS A 42 13.16 -18.49 -7.19
CA LYS A 42 13.89 -17.20 -7.20
C LYS A 42 13.63 -16.31 -8.40
N SER A 43 12.37 -16.18 -8.78
CA SER A 43 12.04 -15.46 -9.98
C SER A 43 10.76 -14.61 -9.82
N THR A 44 10.49 -13.79 -10.81
CA THR A 44 9.35 -12.92 -10.82
C THR A 44 8.48 -13.38 -11.96
N THR A 45 7.23 -13.74 -11.66
CA THR A 45 6.29 -14.16 -12.65
C THR A 45 5.13 -13.18 -12.77
N PHE A 46 4.76 -12.84 -13.99
CA PHE A 46 3.64 -11.92 -14.20
C PHE A 46 2.38 -12.73 -14.44
N VAL A 47 1.63 -12.93 -13.36
CA VAL A 47 0.51 -13.84 -13.35
C VAL A 47 -0.75 -13.11 -13.80
N LYS A 48 -1.35 -13.58 -14.88
CA LYS A 48 -2.51 -12.91 -15.44
C LYS A 48 -3.71 -13.30 -14.69
N LEU A 49 -4.40 -12.35 -14.13
CA LEU A 49 -5.61 -12.66 -13.40
C LEU A 49 -6.91 -12.87 -14.24
N GLY A 50 -6.80 -12.86 -15.57
CA GLY A 50 -7.97 -13.19 -16.39
C GLY A 50 -9.14 -12.21 -16.30
N ILE A 51 -8.86 -11.01 -15.81
CA ILE A 51 -9.90 -10.01 -15.76
C ILE A 51 -9.41 -8.62 -16.16
N LYS A 52 -10.36 -7.76 -16.55
CA LYS A 52 -10.13 -6.30 -16.66
C LYS A 52 -11.11 -5.60 -15.76
N ALA A 53 -10.77 -4.42 -15.25
CA ALA A 53 -11.71 -3.76 -14.36
C ALA A 53 -11.60 -2.31 -14.38
N ILE A 54 -12.74 -1.61 -14.22
CA ILE A 54 -12.73 -0.18 -13.89
C ILE A 54 -13.40 0.03 -12.55
N ALA A 55 -13.04 1.17 -11.92
CA ALA A 55 -13.60 1.55 -10.64
C ALA A 55 -14.35 2.90 -10.66
N LEU A 56 -15.56 2.91 -10.12
CA LEU A 56 -16.42 4.10 -10.09
C LEU A 56 -16.58 4.66 -8.68
N GLN A 57 -16.37 5.97 -8.54
CA GLN A 57 -16.55 6.72 -7.29
C GLN A 57 -17.31 8.00 -7.55
N TYR A 58 -17.87 8.58 -6.50
CA TYR A 58 -18.32 9.97 -6.59
C TYR A 58 -17.18 10.91 -6.95
N LYS A 59 -17.48 11.72 -7.98
CA LYS A 59 -16.74 12.87 -8.46
C LYS A 59 -16.27 13.62 -7.24
N SER A 60 -15.06 14.16 -7.30
CA SER A 60 -14.62 15.00 -6.21
C SER A 60 -14.02 16.24 -6.76
N ASN A 61 -14.09 17.29 -5.96
CA ASN A 61 -13.32 18.47 -6.24
C ASN A 61 -11.95 18.22 -5.61
N TYR A 62 -10.87 18.45 -6.36
CA TYR A 62 -9.57 18.17 -5.77
C TYR A 62 -8.72 19.36 -6.20
N TYR A 63 -7.79 19.76 -5.35
CA TYR A 63 -6.88 20.84 -5.69
C TYR A 63 -5.92 20.42 -6.79
N TYR A 64 -5.93 21.12 -7.90
CA TYR A 64 -5.09 20.76 -9.02
C TYR A 64 -4.74 22.00 -9.83
N LYS A 65 -3.46 22.37 -9.82
CA LYS A 65 -2.98 23.64 -10.43
C LYS A 65 -2.03 23.45 -11.61
N SER A 79 -23.30 10.14 -13.42
CA SER A 79 -23.16 11.54 -13.83
C SER A 79 -22.18 12.34 -12.92
N ASN A 80 -22.45 12.29 -11.61
CA ASN A 80 -21.47 12.60 -10.60
C ASN A 80 -20.63 11.33 -10.28
N ILE A 81 -20.65 10.36 -11.18
CA ILE A 81 -19.90 9.13 -11.03
C ILE A 81 -18.70 9.14 -11.98
N VAL A 82 -17.48 9.10 -11.43
CA VAL A 82 -16.33 8.98 -12.33
C VAL A 82 -15.48 7.72 -12.19
N ASN A 83 -14.87 7.34 -13.30
CA ASN A 83 -13.74 6.45 -13.33
C ASN A 83 -12.62 6.94 -12.43
N THR A 84 -12.07 6.02 -11.66
CA THR A 84 -11.14 6.34 -10.59
C THR A 84 -10.00 5.35 -10.69
N SER A 85 -8.86 5.76 -10.18
CA SER A 85 -7.76 4.82 -10.16
C SER A 85 -7.92 3.98 -8.89
N PHE A 86 -7.23 2.85 -8.81
CA PHE A 86 -7.43 2.02 -7.62
C PHE A 86 -6.22 1.12 -7.40
N LEU A 87 -6.27 0.30 -6.35
CA LEU A 87 -5.12 -0.35 -5.75
C LEU A 87 -5.20 -1.88 -5.80
N LEU A 88 -4.06 -2.52 -6.05
CA LEU A 88 -3.99 -3.95 -5.99
C LEU A 88 -3.08 -4.29 -4.80
N PHE A 89 -3.65 -4.89 -3.75
CA PHE A 89 -2.94 -5.27 -2.53
C PHE A 89 -2.77 -6.75 -2.48
N PRO A 90 -1.67 -7.21 -1.85
CA PRO A 90 -1.63 -8.60 -1.50
C PRO A 90 -2.69 -8.89 -0.43
N ARG A 91 -3.30 -10.07 -0.43
CA ARG A 91 -4.07 -10.54 0.72
C ARG A 91 -3.09 -10.87 1.82
N SER A 92 -3.51 -10.77 3.07
CA SER A 92 -2.51 -10.90 4.08
C SER A 92 -2.17 -12.36 4.21
N SER A 93 -3.01 -13.24 3.69
CA SER A 93 -2.63 -14.64 3.71
C SER A 93 -1.53 -14.97 2.67
N ILE A 94 -1.12 -14.00 1.87
CA ILE A 94 0.03 -14.28 1.01
C ILE A 94 1.26 -14.55 1.88
N SER A 95 1.27 -13.98 3.08
CA SER A 95 2.39 -14.09 4.04
C SER A 95 2.85 -15.48 4.35
N LYS A 96 1.93 -16.43 4.32
CA LYS A 96 2.22 -17.82 4.61
C LYS A 96 3.03 -18.46 3.51
N THR A 97 2.97 -17.91 2.30
CA THR A 97 3.69 -18.44 1.18
C THR A 97 5.03 -17.73 0.99
N PRO A 98 5.87 -18.26 0.11
CA PRO A 98 7.04 -17.48 -0.18
C PRO A 98 6.80 -16.40 -1.25
N LEU A 99 5.55 -16.21 -1.69
CA LEU A 99 5.26 -15.25 -2.80
C LEU A 99 5.14 -13.84 -2.26
N ARG A 100 5.92 -12.96 -2.84
CA ARG A 100 5.81 -11.56 -2.50
C ARG A 100 5.43 -10.67 -3.71
N LEU A 101 4.71 -9.57 -3.50
CA LEU A 101 4.27 -8.76 -4.63
C LEU A 101 5.43 -7.81 -4.99
N ALA A 102 6.00 -8.00 -6.16
CA ALA A 102 7.22 -7.30 -6.55
C ALA A 102 7.15 -5.76 -6.49
N ASN A 103 6.03 -5.14 -6.94
CA ASN A 103 5.84 -3.71 -6.82
C ASN A 103 5.10 -3.24 -5.56
N SER A 104 5.10 -4.08 -4.50
CA SER A 104 4.47 -3.77 -3.20
C SER A 104 2.98 -3.57 -3.27
N ILE A 105 2.49 -2.48 -3.88
CA ILE A 105 1.03 -2.27 -4.06
C ILE A 105 0.85 -1.79 -5.46
N GLY A 106 0.04 -2.43 -6.27
CA GLY A 106 -0.05 -2.05 -7.65
C GLY A 106 -0.98 -0.85 -7.69
N LEU A 107 -0.60 0.16 -8.48
CA LEU A 107 -1.47 1.24 -8.79
C LEU A 107 -2.12 1.09 -10.17
N ILE A 108 -3.43 0.95 -10.24
CA ILE A 108 -4.05 0.81 -11.54
C ILE A 108 -4.73 2.16 -11.77
N ASP A 109 -4.39 2.85 -12.85
CA ASP A 109 -4.87 4.20 -13.18
C ASP A 109 -6.26 4.19 -13.78
N ALA A 110 -6.98 5.31 -13.61
CA ALA A 110 -8.39 5.41 -14.06
C ALA A 110 -8.61 4.92 -15.49
N GLY A 111 -7.65 5.25 -16.34
CA GLY A 111 -7.74 4.93 -17.75
C GLY A 111 -7.38 3.54 -18.27
N TYR A 112 -7.10 2.60 -17.37
CA TYR A 112 -6.42 1.39 -17.79
C TYR A 112 -7.39 0.30 -18.23
N ARG A 113 -7.20 -0.19 -19.45
CA ARG A 113 -8.10 -1.18 -20.07
C ARG A 113 -7.43 -2.57 -20.30
N GLY A 114 -6.27 -2.82 -19.67
CA GLY A 114 -5.54 -4.07 -19.85
C GLY A 114 -5.94 -5.16 -18.83
N GLU A 115 -5.48 -6.38 -19.07
CA GLU A 115 -5.71 -7.45 -18.10
C GLU A 115 -4.91 -7.09 -16.86
N ILE A 116 -5.49 -7.33 -15.68
CA ILE A 116 -4.87 -7.02 -14.39
C ILE A 116 -3.86 -8.12 -14.08
N ILE A 117 -2.63 -7.69 -13.79
CA ILE A 117 -1.57 -8.63 -13.57
C ILE A 117 -1.06 -8.49 -12.16
N ALA A 118 -0.81 -9.62 -11.50
CA ALA A 118 -0.04 -9.64 -10.27
C ALA A 118 1.41 -10.12 -10.56
N ALA A 119 2.38 -9.30 -10.21
CA ALA A 119 3.80 -9.62 -10.37
C ALA A 119 4.30 -10.25 -9.10
N LEU A 120 4.50 -11.57 -9.09
CA LEU A 120 4.77 -12.28 -7.87
C LEU A 120 6.20 -12.80 -7.86
N ASP A 121 6.97 -12.40 -6.85
CA ASP A 121 8.32 -12.93 -6.66
C ASP A 121 8.18 -14.19 -5.87
N ASN A 122 8.70 -15.30 -6.39
CA ASN A 122 8.80 -16.52 -5.57
C ASN A 122 10.14 -16.42 -4.87
N THR A 123 10.14 -16.17 -3.55
CA THR A 123 11.39 -16.02 -2.79
C THR A 123 11.96 -17.37 -2.40
N SER A 124 11.23 -18.43 -2.62
CA SER A 124 11.68 -19.76 -2.25
C SER A 124 12.67 -20.22 -3.29
N ASP A 125 13.54 -21.16 -2.90
CA ASP A 125 14.44 -21.82 -3.89
C ASP A 125 13.80 -23.06 -4.58
N GLN A 126 12.63 -23.50 -4.17
CA GLN A 126 11.83 -24.47 -4.93
C GLN A 126 10.70 -23.81 -5.79
N GLU A 127 10.35 -24.45 -6.89
CA GLU A 127 9.14 -24.16 -7.61
C GLU A 127 7.97 -23.98 -6.71
N TYR A 128 7.19 -22.92 -6.89
CA TYR A 128 5.90 -22.79 -6.19
C TYR A 128 4.71 -23.05 -7.13
N HIS A 129 3.74 -23.87 -6.68
CA HIS A 129 2.58 -24.23 -7.47
C HIS A 129 1.36 -23.45 -7.06
N ILE A 130 0.82 -22.59 -7.93
CA ILE A 130 -0.43 -21.92 -7.54
C ILE A 130 -1.58 -22.63 -8.20
N LYS A 131 -2.69 -22.73 -7.49
CA LYS A 131 -3.88 -23.36 -8.04
C LYS A 131 -4.97 -22.39 -8.49
N LYS A 132 -5.73 -22.82 -9.49
CA LYS A 132 -7.04 -22.22 -9.76
C LYS A 132 -7.78 -22.11 -8.42
N ASN A 133 -8.25 -20.90 -8.13
CA ASN A 133 -9.04 -20.54 -6.91
C ASN A 133 -8.30 -20.11 -5.70
N ASP A 134 -6.96 -20.16 -5.74
CA ASP A 134 -6.12 -19.52 -4.73
C ASP A 134 -6.40 -18.02 -4.79
N LYS A 135 -6.28 -17.37 -3.65
CA LYS A 135 -6.48 -15.93 -3.63
C LYS A 135 -5.34 -15.29 -2.89
N LEU A 136 -4.54 -14.56 -3.64
CA LEU A 136 -3.35 -14.00 -3.12
C LEU A 136 -3.42 -12.50 -3.13
N VAL A 137 -4.22 -11.93 -4.04
CA VAL A 137 -4.30 -10.46 -4.14
C VAL A 137 -5.74 -9.93 -4.01
N GLN A 138 -5.92 -8.61 -3.91
CA GLN A 138 -7.25 -8.07 -3.76
C GLN A 138 -7.25 -6.62 -4.25
N LEU A 139 -8.35 -6.18 -4.82
CA LEU A 139 -8.49 -4.80 -5.22
C LEU A 139 -9.03 -4.00 -4.06
N VAL A 140 -8.60 -2.74 -3.92
CA VAL A 140 -8.88 -1.90 -2.73
C VAL A 140 -9.02 -0.47 -3.21
N SER A 141 -9.95 0.27 -2.63
CA SER A 141 -10.13 1.64 -3.06
C SER A 141 -9.17 2.60 -2.36
N PHE A 142 -8.76 3.61 -3.09
CA PHE A 142 -7.95 4.63 -2.51
C PHE A 142 -8.52 5.23 -1.24
N THR A 143 -9.80 5.01 -0.99
CA THR A 143 -10.34 5.62 0.21
C THR A 143 -10.75 4.61 1.25
N GLY A 144 -10.57 3.35 0.91
CA GLY A 144 -10.88 2.26 1.82
C GLY A 144 -12.35 2.05 2.09
N GLU A 145 -13.20 2.70 1.34
CA GLU A 145 -14.64 2.48 1.50
C GLU A 145 -14.97 1.07 1.03
N PRO A 146 -16.15 0.55 1.41
CA PRO A 146 -16.65 -0.76 0.92
C PRO A 146 -16.78 -0.82 -0.60
N LEU A 147 -16.57 -2.00 -1.15
CA LEU A 147 -16.58 -2.25 -2.59
C LEU A 147 -17.75 -3.06 -2.99
N SER A 148 -18.37 -2.72 -4.11
CA SER A 148 -19.34 -3.63 -4.72
C SER A 148 -18.75 -3.87 -6.06
N PHE A 149 -19.19 -4.92 -6.73
CA PHE A 149 -18.75 -5.16 -8.10
C PHE A 149 -19.89 -5.77 -8.84
N GLU A 150 -19.84 -5.73 -10.16
CA GLU A 150 -20.75 -6.45 -11.04
C GLU A 150 -19.92 -6.86 -12.25
N LEU A 151 -20.30 -7.97 -12.85
CA LEU A 151 -19.70 -8.44 -14.07
C LEU A 151 -20.38 -7.89 -15.33
N VAL A 152 -19.58 -7.25 -16.19
CA VAL A 152 -20.06 -6.64 -17.42
C VAL A 152 -19.33 -7.23 -18.61
N GLU A 153 -19.92 -7.13 -19.79
CA GLU A 153 -19.27 -7.60 -21.05
C GLU A 153 -18.19 -6.66 -21.57
N GLU A 154 -18.25 -5.36 -21.29
CA GLU A 154 -17.11 -4.51 -21.66
C GLU A 154 -16.99 -3.36 -20.70
N LEU A 155 -15.83 -2.70 -20.71
CA LEU A 155 -15.53 -1.55 -19.87
C LEU A 155 -15.88 -0.27 -20.61
N ASP A 156 -15.71 -0.28 -21.93
CA ASP A 156 -16.07 0.85 -22.78
C ASP A 156 -16.12 0.42 -24.26
N GLU A 157 -16.11 1.37 -25.16
CA GLU A 157 -16.28 1.10 -26.56
C GLU A 157 -15.01 0.71 -27.30
N THR A 158 -13.84 1.01 -26.77
CA THR A 158 -12.61 0.51 -27.41
C THR A 158 -12.47 -1.02 -27.37
N SER A 159 -11.75 -1.55 -28.36
CA SER A 159 -11.32 -2.96 -28.34
C SER A 159 -10.52 -3.37 -27.08
N ARG A 160 -9.52 -2.58 -26.71
CA ARG A 160 -8.85 -2.82 -25.47
C ARG A 160 -9.90 -2.95 -24.31
N GLY A 161 -10.89 -2.05 -24.24
CA GLY A 161 -12.01 -2.18 -23.31
C GLY A 161 -12.97 -3.36 -23.53
N GLU A 162 -12.69 -4.17 -24.55
CA GLU A 162 -13.48 -5.36 -24.89
C GLU A 162 -14.79 -5.07 -25.58
N GLY A 163 -15.02 -3.84 -26.01
CA GLY A 163 -16.36 -3.48 -26.46
C GLY A 163 -16.40 -3.11 -27.93
N GLY A 164 -17.37 -2.24 -28.27
CA GLY A 164 -17.55 -1.77 -29.64
C GLY A 164 -17.94 -2.83 -30.65
N PHE A 165 -18.01 -2.40 -31.90
CA PHE A 165 -18.45 -3.22 -33.01
C PHE A 165 -17.43 -4.27 -33.36
N GLY A 166 -17.89 -5.46 -33.74
CA GLY A 166 -17.08 -6.42 -34.50
C GLY A 166 -16.15 -7.28 -33.68
N SER A 167 -15.64 -8.31 -34.36
CA SER A 167 -14.66 -9.33 -33.87
C SER A 167 -14.24 -9.37 -32.36
N MET B 1 -4.24 16.55 -6.30
CA MET B 1 -3.26 17.20 -5.36
C MET B 1 -2.15 17.88 -6.14
N HIS B 2 -1.49 18.84 -5.49
CA HIS B 2 -0.47 19.65 -6.13
C HIS B 2 0.81 19.75 -5.35
N LEU B 3 1.93 19.54 -6.02
CA LEU B 3 3.20 19.42 -5.33
C LEU B 3 4.10 20.60 -5.67
N LYS B 4 4.73 21.15 -4.64
CA LYS B 4 5.80 22.07 -4.83
C LYS B 4 7.12 21.36 -4.60
N ILE B 5 7.91 21.31 -5.67
CA ILE B 5 9.15 20.59 -5.66
C ILE B 5 10.32 21.53 -5.76
N VAL B 6 11.20 21.53 -4.76
CA VAL B 6 12.51 22.21 -4.83
C VAL B 6 13.61 21.27 -5.36
N CYS B 7 14.09 21.51 -6.57
CA CYS B 7 15.22 20.71 -7.05
C CYS B 7 16.49 21.14 -6.36
N LEU B 8 17.25 20.17 -5.85
CA LEU B 8 18.42 20.43 -5.02
C LEU B 8 19.67 20.78 -5.84
N SER B 9 19.56 20.67 -7.15
CA SER B 9 20.67 21.01 -7.96
C SER B 9 20.23 21.50 -9.32
N ASP B 10 20.89 22.57 -9.78
CA ASP B 10 21.05 22.94 -11.18
C ASP B 10 20.59 21.82 -12.16
N GLU B 11 21.32 20.70 -12.12
CA GLU B 11 21.15 19.57 -13.04
C GLU B 11 19.81 18.80 -12.92
N VAL B 12 19.35 18.60 -11.67
CA VAL B 12 18.04 17.98 -11.39
C VAL B 12 16.85 18.79 -11.92
N ARG B 13 16.80 20.08 -11.56
CA ARG B 13 15.88 21.07 -12.13
C ARG B 13 15.61 20.87 -13.61
N GLU B 14 16.66 20.54 -14.35
CA GLU B 14 16.53 20.25 -15.78
C GLU B 14 15.56 19.15 -16.04
N MET B 15 15.78 18.02 -15.36
CA MET B 15 14.98 16.81 -15.56
C MET B 15 13.51 17.05 -15.32
N TYR B 16 13.19 17.84 -14.30
CA TYR B 16 11.80 18.15 -14.05
C TYR B 16 11.19 19.25 -14.93
N LYS B 17 11.95 20.30 -15.25
CA LYS B 17 11.48 21.30 -16.23
C LYS B 17 10.99 20.67 -17.56
N ASN B 18 11.80 19.81 -18.16
CA ASN B 18 11.26 18.96 -19.22
C ASN B 18 10.69 17.61 -18.74
N HIS B 19 9.56 17.60 -18.03
CA HIS B 19 9.02 16.29 -17.69
C HIS B 19 8.29 15.70 -18.88
N GLY B 25 -3.26 14.50 -16.90
CA GLY B 25 -2.89 14.46 -15.49
C GLY B 25 -3.25 13.11 -14.87
N ASP B 26 -2.24 12.46 -14.28
CA ASP B 26 -2.35 11.06 -13.85
C ASP B 26 -2.16 10.80 -12.35
N SER B 27 -2.33 9.55 -11.92
CA SER B 27 -2.43 9.24 -10.50
C SER B 27 -1.15 9.26 -9.74
N GLY B 28 -0.05 9.01 -10.42
CA GLY B 28 1.25 9.10 -9.81
C GLY B 28 2.20 9.93 -10.61
N LEU B 29 3.06 10.69 -9.94
CA LEU B 29 4.11 11.45 -10.61
C LEU B 29 5.50 10.74 -10.50
N ASP B 30 6.05 10.31 -11.62
CA ASP B 30 7.34 9.66 -11.64
C ASP B 30 8.47 10.55 -11.15
N LEU B 31 9.39 9.95 -10.40
CA LEU B 31 10.59 10.64 -9.95
C LEU B 31 11.83 10.04 -10.64
N PHE B 32 12.78 10.87 -11.03
CA PHE B 32 13.93 10.34 -11.76
C PHE B 32 15.01 9.80 -10.83
N ILE B 33 15.78 8.85 -11.34
CA ILE B 33 17.07 8.55 -10.73
C ILE B 33 17.96 9.67 -11.28
N VAL B 34 18.58 10.42 -10.39
CA VAL B 34 19.32 11.62 -10.77
C VAL B 34 20.85 11.47 -11.05
N LYS B 35 21.55 10.49 -10.49
CA LYS B 35 22.95 10.19 -10.89
C LYS B 35 23.20 8.68 -11.02
N ASP B 36 23.93 8.24 -12.04
CA ASP B 36 24.39 6.84 -12.11
C ASP B 36 24.97 6.28 -10.80
N GLU B 37 24.55 5.11 -10.40
CA GLU B 37 24.99 4.60 -9.11
C GLU B 37 25.15 3.11 -9.20
N VAL B 38 26.14 2.55 -8.52
CA VAL B 38 26.25 1.06 -8.43
C VAL B 38 25.59 0.58 -7.12
N LEU B 39 24.58 -0.30 -7.23
CA LEU B 39 23.98 -0.92 -6.01
C LEU B 39 24.64 -2.26 -5.70
N LYS B 40 25.18 -2.39 -4.49
CA LYS B 40 25.87 -3.59 -4.13
C LYS B 40 24.97 -4.80 -4.15
N PRO B 41 25.55 -6.00 -4.26
CA PRO B 41 24.63 -7.14 -4.37
C PRO B 41 24.03 -7.37 -3.00
N LYS B 42 22.88 -8.01 -2.92
CA LYS B 42 22.20 -8.30 -1.67
C LYS B 42 22.22 -7.15 -0.70
N SER B 43 21.72 -5.98 -1.04
CA SER B 43 21.93 -4.82 -0.17
C SER B 43 20.73 -3.83 -0.11
N THR B 44 20.81 -2.91 0.84
CA THR B 44 19.83 -1.83 0.90
C THR B 44 20.60 -0.55 0.73
N THR B 45 20.20 0.24 -0.26
CA THR B 45 20.81 1.54 -0.50
C THR B 45 19.80 2.68 -0.37
N PHE B 46 20.17 3.69 0.39
CA PHE B 46 19.37 4.89 0.45
C PHE B 46 19.67 5.74 -0.73
N VAL B 47 18.92 5.63 -1.80
CA VAL B 47 19.15 6.39 -2.97
C VAL B 47 18.50 7.81 -2.89
N LYS B 48 19.31 8.84 -2.84
CA LYS B 48 18.84 10.23 -2.92
C LYS B 48 18.24 10.61 -4.27
N LEU B 49 17.08 11.27 -4.22
CA LEU B 49 16.37 11.64 -5.43
C LEU B 49 16.54 13.13 -5.76
N GLY B 50 17.14 13.86 -4.83
CA GLY B 50 17.58 15.23 -5.08
C GLY B 50 16.42 16.17 -5.32
N ILE B 51 15.31 15.95 -4.62
CA ILE B 51 14.21 16.90 -4.58
C ILE B 51 13.70 16.99 -3.17
N LYS B 52 13.10 18.13 -2.85
CA LYS B 52 12.21 18.28 -1.70
C LYS B 52 10.80 18.58 -2.24
N ALA B 53 9.78 18.24 -1.48
CA ALA B 53 8.46 18.41 -2.03
C ALA B 53 7.48 18.62 -0.91
N ILE B 54 6.48 19.46 -1.16
CA ILE B 54 5.30 19.44 -0.32
C ILE B 54 4.09 19.22 -1.19
N ALA B 55 3.01 18.83 -0.54
CA ALA B 55 1.81 18.54 -1.27
C ALA B 55 0.76 19.38 -0.62
N LEU B 56 -0.16 19.86 -1.47
CA LEU B 56 -1.27 20.71 -1.07
C LEU B 56 -2.57 20.13 -1.62
N GLN B 57 -3.58 20.11 -0.74
CA GLN B 57 -4.91 19.60 -1.01
C GLN B 57 -5.81 20.54 -0.27
N TYR B 58 -7.11 20.51 -0.57
CA TYR B 58 -8.10 21.26 0.21
C TYR B 58 -8.16 20.84 1.65
N LYS B 59 -8.42 21.78 2.56
CA LYS B 59 -8.63 21.47 3.96
C LYS B 59 -9.84 20.57 4.06
N SER B 60 -9.86 19.67 5.03
CA SER B 60 -11.01 18.77 5.25
C SER B 60 -11.38 18.75 6.72
N ASN B 61 -12.63 18.41 7.02
CA ASN B 61 -12.99 17.98 8.36
C ASN B 61 -12.54 16.52 8.48
N TYR B 62 -11.71 16.27 9.50
CA TYR B 62 -11.31 14.92 9.88
C TYR B 62 -11.61 14.73 11.37
N TYR B 63 -12.05 13.54 11.78
CA TYR B 63 -12.31 13.34 13.20
C TYR B 63 -10.99 13.16 13.94
N TYR B 64 -10.81 13.90 15.04
CA TYR B 64 -9.56 13.82 15.84
C TYR B 64 -9.76 14.32 17.27
N LYS B 65 -9.13 13.68 18.26
CA LYS B 65 -9.23 14.10 19.68
C LYS B 65 -7.89 14.35 20.36
N SER B 79 -5.98 29.23 3.58
CA SER B 79 -7.09 28.65 4.35
C SER B 79 -7.83 27.68 3.45
N ASN B 80 -7.70 27.94 2.15
CA ASN B 80 -8.23 27.06 1.13
C ASN B 80 -7.45 25.71 1.22
N ILE B 81 -6.13 25.84 1.22
CA ILE B 81 -5.18 24.77 1.08
C ILE B 81 -4.41 24.48 2.39
N VAL B 82 -3.97 23.23 2.53
CA VAL B 82 -2.99 22.78 3.53
C VAL B 82 -2.05 21.72 2.96
N ASN B 83 -0.89 21.58 3.60
CA ASN B 83 0.05 20.50 3.32
C ASN B 83 -0.51 19.19 3.78
N THR B 84 -0.49 18.17 2.93
CA THR B 84 -0.84 16.84 3.40
C THR B 84 0.32 15.91 3.20
N SER B 85 0.22 14.82 3.92
CA SER B 85 1.09 13.71 3.74
C SER B 85 0.84 13.20 2.33
N PHE B 86 1.87 12.58 1.73
CA PHE B 86 1.76 11.86 0.49
C PHE B 86 2.56 10.52 0.55
N LEU B 87 2.61 9.79 -0.57
CA LEU B 87 3.11 8.43 -0.54
C LEU B 87 4.17 8.26 -1.56
N LEU B 88 5.13 7.39 -1.28
CA LEU B 88 6.13 7.07 -2.30
C LEU B 88 5.92 5.63 -2.73
N PHE B 89 5.39 5.43 -3.93
CA PHE B 89 5.21 4.07 -4.44
C PHE B 89 6.33 3.67 -5.40
N PRO B 90 6.65 2.35 -5.44
CA PRO B 90 7.42 1.90 -6.60
C PRO B 90 6.60 2.04 -7.89
N ARG B 91 7.26 2.16 -9.03
CA ARG B 91 6.58 2.09 -10.29
C ARG B 91 6.48 0.62 -10.62
N SER B 92 5.42 0.25 -11.33
CA SER B 92 5.15 -1.15 -11.56
C SER B 92 6.32 -1.71 -12.35
N SER B 93 7.04 -0.85 -13.03
CA SER B 93 8.12 -1.31 -13.90
C SER B 93 9.35 -1.82 -13.07
N ILE B 94 9.41 -1.42 -11.78
CA ILE B 94 10.48 -1.81 -10.89
C ILE B 94 10.50 -3.30 -10.82
N SER B 95 9.41 -3.93 -11.20
CA SER B 95 9.31 -5.36 -11.01
C SER B 95 10.09 -6.13 -12.06
N LYS B 96 10.51 -5.44 -13.11
CA LYS B 96 11.36 -6.02 -14.16
C LYS B 96 12.81 -6.07 -13.68
N THR B 97 13.14 -5.33 -12.63
CA THR B 97 14.49 -5.19 -12.07
C THR B 97 14.61 -6.12 -10.89
N PRO B 98 15.82 -6.29 -10.33
CA PRO B 98 15.86 -7.00 -9.04
C PRO B 98 15.73 -6.07 -7.81
N LEU B 99 15.34 -4.83 -8.02
CA LEU B 99 15.21 -3.87 -6.94
C LEU B 99 13.81 -3.87 -6.33
N ARG B 100 13.71 -3.69 -5.01
CA ARG B 100 12.41 -3.75 -4.37
C ARG B 100 12.40 -2.56 -3.41
N LEU B 101 11.25 -1.97 -3.09
CA LEU B 101 11.29 -0.83 -2.20
C LEU B 101 11.28 -1.36 -0.77
N ALA B 102 12.30 -1.06 0.01
CA ALA B 102 12.48 -1.77 1.27
C ALA B 102 11.35 -1.58 2.21
N ASN B 103 10.77 -0.38 2.23
CA ASN B 103 9.73 -0.06 3.23
C ASN B 103 8.28 -0.18 2.61
N SER B 104 8.24 -0.95 1.51
CA SER B 104 7.08 -1.18 0.64
C SER B 104 6.48 0.07 0.01
N ILE B 105 6.04 1.00 0.83
CA ILE B 105 5.45 2.24 0.36
C ILE B 105 5.93 3.36 1.30
N GLY B 106 6.51 4.43 0.77
CA GLY B 106 7.10 5.42 1.66
C GLY B 106 6.03 6.39 2.14
N LEU B 107 6.03 6.73 3.41
CA LEU B 107 5.06 7.72 3.86
C LEU B 107 5.81 9.04 4.11
N ILE B 108 5.58 10.07 3.28
CA ILE B 108 6.17 11.36 3.54
C ILE B 108 5.17 12.21 4.36
N ASP B 109 5.52 12.59 5.59
CA ASP B 109 4.58 13.36 6.41
C ASP B 109 4.35 14.82 5.98
N ALA B 110 3.18 15.35 6.32
CA ALA B 110 2.89 16.79 6.09
C ALA B 110 4.01 17.73 6.54
N GLY B 111 4.58 17.46 7.72
CA GLY B 111 5.69 18.26 8.23
C GLY B 111 7.10 18.11 7.63
N TYR B 112 7.30 17.24 6.65
CA TYR B 112 8.66 16.91 6.21
C TYR B 112 9.27 17.87 5.19
N ARG B 113 10.46 18.39 5.52
CA ARG B 113 11.12 19.38 4.67
C ARG B 113 12.44 18.88 4.04
N GLY B 114 12.85 17.64 4.37
CA GLY B 114 14.12 17.07 3.87
C GLY B 114 14.11 16.47 2.45
N GLU B 115 15.26 15.95 2.02
CA GLU B 115 15.32 15.31 0.70
C GLU B 115 14.48 14.03 0.67
N ILE B 116 13.95 13.69 -0.50
CA ILE B 116 13.21 12.43 -0.66
C ILE B 116 14.17 11.28 -0.99
N ILE B 117 14.12 10.21 -0.21
CA ILE B 117 15.03 9.11 -0.42
C ILE B 117 14.18 7.89 -0.80
N ALA B 118 14.70 7.07 -1.70
CA ALA B 118 14.16 5.76 -2.05
C ALA B 118 15.08 4.67 -1.48
N ALA B 119 14.57 3.88 -0.54
CA ALA B 119 15.37 2.82 0.09
C ALA B 119 15.23 1.61 -0.84
N LEU B 120 16.25 1.29 -1.63
CA LEU B 120 16.07 0.17 -2.57
C LEU B 120 16.84 -1.06 -2.16
N ASP B 121 16.19 -2.21 -2.13
CA ASP B 121 16.81 -3.46 -1.84
C ASP B 121 17.27 -4.04 -3.15
N ASN B 122 18.57 -4.26 -3.34
CA ASN B 122 19.06 -5.04 -4.49
C ASN B 122 19.02 -6.46 -4.07
N THR B 123 18.19 -7.26 -4.73
CA THR B 123 17.95 -8.66 -4.29
C THR B 123 18.79 -9.61 -5.11
N SER B 124 19.44 -9.05 -6.11
CA SER B 124 20.37 -9.77 -6.96
C SER B 124 21.62 -10.14 -6.18
N ASP B 125 22.25 -11.26 -6.56
CA ASP B 125 23.54 -11.62 -5.97
C ASP B 125 24.65 -10.99 -6.77
N GLN B 126 24.29 -10.22 -7.80
CA GLN B 126 25.26 -9.34 -8.49
C GLN B 126 24.93 -7.87 -8.35
N GLU B 127 25.92 -7.01 -8.53
CA GLU B 127 25.65 -5.60 -8.44
C GLU B 127 24.72 -5.14 -9.55
N TYR B 128 24.07 -4.02 -9.29
CA TYR B 128 23.07 -3.54 -10.21
C TYR B 128 23.29 -2.04 -10.38
N HIS B 129 23.43 -1.60 -11.63
CA HIS B 129 23.70 -0.18 -11.93
C HIS B 129 22.41 0.52 -12.26
N ILE B 130 22.04 1.53 -11.47
CA ILE B 130 21.03 2.47 -11.91
C ILE B 130 21.67 3.70 -12.59
N LYS B 131 20.94 4.21 -13.59
CA LYS B 131 21.42 5.23 -14.47
C LYS B 131 20.54 6.40 -14.31
N LYS B 132 21.14 7.59 -14.28
CA LYS B 132 20.40 8.84 -14.42
C LYS B 132 19.28 8.68 -15.49
N ASN B 133 18.09 9.17 -15.15
CA ASN B 133 16.85 9.14 -15.98
C ASN B 133 16.09 7.83 -15.92
N ASP B 134 16.51 6.94 -15.03
CA ASP B 134 15.69 5.81 -14.65
C ASP B 134 14.51 6.31 -13.80
N LYS B 135 13.34 5.72 -14.01
CA LYS B 135 12.22 6.06 -13.15
C LYS B 135 11.77 4.80 -12.42
N LEU B 136 12.05 4.76 -11.13
CA LEU B 136 11.80 3.58 -10.35
C LEU B 136 10.72 3.78 -9.31
N VAL B 137 10.58 4.99 -8.78
CA VAL B 137 9.53 5.29 -7.84
C VAL B 137 8.65 6.46 -8.26
N GLN B 138 7.55 6.67 -7.55
CA GLN B 138 6.59 7.73 -7.96
C GLN B 138 5.83 8.27 -6.79
N LEU B 139 5.40 9.52 -6.90
CA LEU B 139 4.72 10.19 -5.79
C LEU B 139 3.25 10.02 -6.08
N VAL B 140 2.48 9.66 -5.05
CA VAL B 140 1.06 9.32 -5.17
C VAL B 140 0.36 10.02 -3.98
N SER B 141 -0.88 10.40 -4.17
CA SER B 141 -1.59 11.09 -3.11
C SER B 141 -2.47 10.08 -2.42
N PHE B 142 -2.76 10.37 -1.17
CA PHE B 142 -3.67 9.54 -0.39
C PHE B 142 -5.04 9.22 -0.99
N THR B 143 -5.48 10.02 -1.92
CA THR B 143 -6.83 9.85 -2.45
C THR B 143 -6.80 9.28 -3.86
N GLY B 144 -5.61 9.16 -4.41
CA GLY B 144 -5.53 8.66 -5.77
C GLY B 144 -5.83 9.71 -6.83
N GLU B 145 -6.11 10.93 -6.38
CA GLU B 145 -6.41 12.04 -7.27
C GLU B 145 -5.22 12.41 -8.15
N PRO B 146 -5.48 12.94 -9.37
CA PRO B 146 -4.49 13.45 -10.33
C PRO B 146 -3.53 14.45 -9.68
N LEU B 147 -2.26 14.36 -10.05
CA LEU B 147 -1.23 15.13 -9.38
C LEU B 147 -0.79 16.22 -10.30
N SER B 148 -0.34 17.34 -9.73
CA SER B 148 0.30 18.45 -10.50
C SER B 148 1.47 19.00 -9.72
N PHE B 149 2.45 19.56 -10.40
CA PHE B 149 3.54 20.19 -9.62
C PHE B 149 4.07 21.45 -10.29
N GLU B 150 4.85 22.24 -9.54
CA GLU B 150 5.58 23.37 -10.06
C GLU B 150 6.94 23.34 -9.34
N LEU B 151 7.99 23.94 -9.94
CA LEU B 151 9.32 23.99 -9.29
C LEU B 151 9.60 25.34 -8.62
N VAL B 152 9.55 25.36 -7.29
CA VAL B 152 9.81 26.56 -6.53
C VAL B 152 11.24 26.57 -6.01
N GLU B 153 11.63 27.62 -5.28
CA GLU B 153 12.97 27.74 -4.67
C GLU B 153 12.98 27.29 -3.22
N GLU B 154 11.84 27.43 -2.54
CA GLU B 154 11.74 27.06 -1.14
C GLU B 154 10.33 26.70 -0.69
N LEU B 155 10.25 26.06 0.48
CA LEU B 155 8.99 25.51 0.97
C LEU B 155 8.50 26.27 2.23
N MET C 1 -8.33 11.02 12.11
CA MET C 1 -8.88 9.70 12.43
C MET C 1 -8.53 9.49 13.86
N HIS C 2 -9.41 8.80 14.58
CA HIS C 2 -9.18 8.54 15.97
C HIS C 2 -9.27 7.08 16.21
N LEU C 3 -8.32 6.53 16.93
CA LEU C 3 -8.26 5.08 17.19
C LEU C 3 -8.59 4.79 18.65
N LYS C 4 -9.40 3.78 18.90
CA LYS C 4 -9.58 3.20 20.23
C LYS C 4 -8.79 1.90 20.31
N ILE C 5 -7.83 1.83 21.22
CA ILE C 5 -6.89 0.74 21.33
C ILE C 5 -7.08 0.00 22.65
N VAL C 6 -7.42 -1.28 22.59
CA VAL C 6 -7.45 -2.09 23.77
C VAL C 6 -6.12 -2.77 23.93
N CYS C 7 -5.37 -2.49 25.01
CA CYS C 7 -4.07 -3.16 25.22
C CYS C 7 -4.29 -4.53 25.85
N LEU C 8 -3.67 -5.59 25.37
CA LEU C 8 -4.04 -6.94 25.85
C LEU C 8 -3.29 -7.42 27.09
N SER C 9 -2.36 -6.61 27.59
CA SER C 9 -1.70 -6.93 28.83
C SER C 9 -1.39 -5.64 29.52
N ASP C 10 -1.05 -5.71 30.79
CA ASP C 10 -0.70 -4.50 31.46
C ASP C 10 0.64 -3.99 30.96
N GLU C 11 1.57 -4.89 30.67
CA GLU C 11 2.89 -4.46 30.20
C GLU C 11 2.76 -3.57 28.94
N VAL C 12 1.77 -3.90 28.11
CA VAL C 12 1.51 -3.12 26.90
C VAL C 12 0.84 -1.79 27.26
N ARG C 13 -0.14 -1.85 28.15
CA ARG C 13 -0.84 -0.66 28.56
C ARG C 13 0.15 0.43 29.02
N GLU C 14 1.20 0.01 29.73
CA GLU C 14 2.16 0.96 30.28
C GLU C 14 2.97 1.57 29.13
N MET C 15 3.35 0.77 28.14
CA MET C 15 4.02 1.32 26.96
C MET C 15 3.20 2.43 26.28
N TYR C 16 1.89 2.22 26.09
CA TYR C 16 1.09 3.18 25.35
C TYR C 16 0.60 4.35 26.15
N LYS C 17 0.42 4.18 27.46
CA LYS C 17 0.26 5.34 28.36
C LYS C 17 1.37 6.42 28.16
N ASN C 18 2.60 6.00 27.86
CA ASN C 18 3.69 6.95 27.48
C ASN C 18 3.42 7.74 26.21
N HIS C 19 3.95 7.20 25.11
CA HIS C 19 3.78 7.72 23.74
C HIS C 19 3.63 9.22 23.59
N GLU C 24 2.92 14.63 18.08
CA GLU C 24 2.13 13.63 17.37
C GLU C 24 0.73 14.15 16.86
N GLY C 25 0.75 15.16 15.99
CA GLY C 25 -0.39 15.49 15.13
C GLY C 25 -0.05 14.93 13.74
N ASP C 26 0.40 13.68 13.74
CA ASP C 26 1.10 13.05 12.62
C ASP C 26 0.25 12.06 11.82
N SER C 27 0.76 11.67 10.66
CA SER C 27 0.09 10.72 9.79
C SER C 27 0.12 9.23 10.20
N GLY C 28 1.15 8.82 10.92
CA GLY C 28 1.25 7.46 11.29
C GLY C 28 1.33 7.39 12.78
N LEU C 29 0.74 6.35 13.36
CA LEU C 29 0.88 6.11 14.76
C LEU C 29 1.78 4.86 14.96
N ASP C 30 2.95 5.02 15.56
CA ASP C 30 3.88 3.90 15.67
C ASP C 30 3.34 2.86 16.63
N LEU C 31 3.61 1.60 16.36
CA LEU C 31 3.22 0.53 17.22
C LEU C 31 4.48 -0.08 17.81
N PHE C 32 4.36 -0.60 19.03
CA PHE C 32 5.48 -1.22 19.71
C PHE C 32 5.55 -2.70 19.46
N ILE C 33 6.79 -3.21 19.45
CA ILE C 33 7.10 -4.64 19.71
C ILE C 33 6.96 -4.79 21.19
N VAL C 34 6.15 -5.75 21.62
CA VAL C 34 5.77 -5.74 23.00
C VAL C 34 6.51 -6.77 23.85
N LYS C 35 7.36 -7.56 23.21
CA LYS C 35 7.99 -8.68 23.89
C LYS C 35 9.25 -9.09 23.11
N ASP C 36 10.37 -9.23 23.80
CA ASP C 36 11.63 -9.67 23.18
C ASP C 36 11.35 -10.98 22.46
N GLU C 37 11.82 -11.11 21.23
CA GLU C 37 11.51 -12.30 20.47
C GLU C 37 12.61 -12.53 19.45
N VAL C 38 12.88 -13.80 19.16
CA VAL C 38 13.92 -14.10 18.17
C VAL C 38 13.27 -14.47 16.85
N LEU C 39 13.67 -13.90 15.74
CA LEU C 39 13.05 -14.35 14.51
C LEU C 39 14.00 -15.28 13.77
N LYS C 40 13.58 -16.51 13.48
CA LYS C 40 14.43 -17.49 12.82
C LYS C 40 14.95 -16.90 11.53
N PRO C 41 16.09 -17.40 11.05
CA PRO C 41 16.63 -16.88 9.80
C PRO C 41 15.70 -17.30 8.69
N LYS C 42 15.59 -16.53 7.60
CA LYS C 42 14.79 -16.93 6.42
C LYS C 42 13.44 -17.48 6.82
N SER C 43 12.62 -16.64 7.44
CA SER C 43 11.31 -17.03 7.95
C SER C 43 10.37 -15.88 7.82
N THR C 44 9.09 -16.17 7.85
CA THR C 44 8.07 -15.17 8.12
C THR C 44 7.57 -15.44 9.55
N THR C 45 7.61 -14.47 10.43
CA THR C 45 7.02 -14.67 11.73
C THR C 45 5.85 -13.71 11.87
N PHE C 46 4.75 -14.22 12.37
CA PHE C 46 3.62 -13.40 12.67
C PHE C 46 3.82 -12.78 14.06
N VAL C 47 4.14 -11.50 14.14
CA VAL C 47 4.51 -10.91 15.44
C VAL C 47 3.28 -10.21 16.07
N LYS C 48 2.87 -10.70 17.22
CA LYS C 48 1.67 -10.22 17.82
C LYS C 48 1.94 -8.85 18.42
N LEU C 49 1.18 -7.83 18.02
CA LEU C 49 1.42 -6.50 18.54
C LEU C 49 0.69 -6.20 19.84
N GLY C 50 -0.03 -7.19 20.36
CA GLY C 50 -0.62 -7.08 21.70
C GLY C 50 -1.69 -6.06 21.90
N ILE C 51 -2.29 -5.55 20.81
CA ILE C 51 -3.37 -4.58 20.85
C ILE C 51 -4.50 -4.92 19.86
N LYS C 52 -5.68 -4.35 20.13
CA LYS C 52 -6.84 -4.41 19.26
C LYS C 52 -7.24 -2.99 19.00
N ALA C 53 -7.83 -2.69 17.87
CA ALA C 53 -8.00 -1.31 17.57
C ALA C 53 -9.09 -1.10 16.62
N ILE C 54 -9.86 -0.03 16.86
CA ILE C 54 -10.95 0.43 16.00
C ILE C 54 -10.57 1.82 15.59
N ALA C 55 -10.93 2.19 14.35
CA ALA C 55 -10.67 3.56 13.87
C ALA C 55 -11.98 4.26 13.50
N LEU C 56 -12.04 5.55 13.83
CA LEU C 56 -13.28 6.31 13.67
C LEU C 56 -13.01 7.50 12.81
N GLN C 57 -13.91 7.74 11.85
CA GLN C 57 -13.84 8.85 10.89
C GLN C 57 -15.25 9.41 10.82
N TYR C 58 -15.41 10.60 10.26
CA TYR C 58 -16.77 11.11 10.06
C TYR C 58 -17.38 10.29 8.91
N LYS C 59 -18.70 10.04 8.96
CA LYS C 59 -19.39 9.31 7.90
C LYS C 59 -19.04 10.01 6.60
N SER C 60 -18.97 9.28 5.52
CA SER C 60 -18.59 9.88 4.27
C SER C 60 -19.47 9.27 3.23
N ASN C 61 -19.71 10.03 2.17
CA ASN C 61 -20.43 9.50 1.05
C ASN C 61 -19.56 8.78 0.02
N TYR C 62 -19.97 7.55 -0.21
CA TYR C 62 -19.23 6.68 -1.09
C TYR C 62 -20.24 5.96 -1.99
N TYR C 63 -19.83 5.72 -3.22
CA TYR C 63 -20.63 4.99 -4.16
C TYR C 63 -20.58 3.45 -4.00
N TYR C 64 -21.74 2.81 -4.05
CA TYR C 64 -21.90 1.41 -3.72
C TYR C 64 -23.16 0.97 -4.46
N LYS C 65 -23.20 -0.28 -4.95
CA LYS C 65 -24.27 -0.72 -5.84
C LYS C 65 -24.48 -2.23 -5.75
N SER C 79 -24.00 8.98 15.23
CA SER C 79 -23.93 8.41 13.87
C SER C 79 -23.37 9.39 12.81
N ASN C 80 -22.75 10.46 13.31
CA ASN C 80 -21.84 11.29 12.52
C ASN C 80 -20.43 10.60 12.41
N ILE C 81 -20.16 9.70 13.34
CA ILE C 81 -18.86 9.10 13.54
C ILE C 81 -19.00 7.60 13.29
N VAL C 82 -18.20 7.04 12.37
CA VAL C 82 -18.31 5.61 12.07
C VAL C 82 -16.96 4.91 12.13
N ASN C 83 -16.99 3.59 12.33
CA ASN C 83 -15.82 2.74 12.12
C ASN C 83 -15.28 2.85 10.72
N THR C 84 -13.98 2.68 10.57
CA THR C 84 -13.41 2.74 9.26
C THR C 84 -12.24 1.79 9.20
N SER C 85 -11.93 1.32 8.00
CA SER C 85 -10.76 0.48 7.73
C SER C 85 -9.51 1.36 7.74
N PHE C 86 -8.35 0.77 8.03
CA PHE C 86 -7.11 1.54 8.08
C PHE C 86 -5.92 0.63 7.70
N LEU C 87 -4.69 1.17 7.75
CA LEU C 87 -3.57 0.48 7.12
C LEU C 87 -2.43 0.30 8.09
N LEU C 88 -1.73 -0.82 7.95
CA LEU C 88 -0.52 -1.08 8.74
C LEU C 88 0.66 -0.92 7.83
N PHE C 89 1.44 0.10 8.04
CA PHE C 89 2.58 0.39 7.16
C PHE C 89 3.86 0.01 7.91
N PRO C 90 4.93 -0.38 7.20
CA PRO C 90 6.24 -0.43 7.86
C PRO C 90 6.67 0.98 8.20
N ARG C 91 7.51 1.15 9.21
CA ARG C 91 8.16 2.41 9.40
C ARG C 91 9.35 2.47 8.46
N SER C 92 9.65 3.65 7.94
CA SER C 92 10.76 3.79 7.00
C SER C 92 12.07 3.19 7.58
N SER C 93 12.24 3.27 8.89
CA SER C 93 13.46 2.77 9.50
C SER C 93 13.63 1.25 9.57
N ILE C 94 12.56 0.53 9.27
CA ILE C 94 12.65 -0.92 9.02
C ILE C 94 13.68 -1.24 7.90
N SER C 95 13.82 -0.31 6.94
CA SER C 95 14.70 -0.50 5.79
C SER C 95 16.12 -0.75 6.21
N LYS C 96 16.48 -0.22 7.35
CA LYS C 96 17.83 -0.36 7.86
C LYS C 96 18.13 -1.81 8.35
N THR C 97 17.10 -2.64 8.50
CA THR C 97 17.21 -3.96 9.08
C THR C 97 17.01 -5.01 8.00
N PRO C 98 17.08 -6.28 8.38
CA PRO C 98 16.73 -7.23 7.32
C PRO C 98 15.24 -7.62 7.27
N LEU C 99 14.41 -6.98 8.08
CA LEU C 99 12.99 -7.35 8.15
C LEU C 99 12.18 -6.59 7.13
N ARG C 100 11.14 -7.23 6.60
CA ARG C 100 10.31 -6.63 5.54
C ARG C 100 8.90 -7.09 5.78
N LEU C 101 7.89 -6.26 5.55
CA LEU C 101 6.51 -6.70 5.83
C LEU C 101 6.05 -7.69 4.74
N ALA C 102 5.70 -8.92 5.12
CA ALA C 102 5.37 -9.93 4.10
C ALA C 102 4.30 -9.47 3.12
N ASN C 103 3.31 -8.76 3.64
CA ASN C 103 2.11 -8.50 2.88
C ASN C 103 2.09 -7.12 2.33
N SER C 104 3.27 -6.49 2.35
CA SER C 104 3.54 -5.14 1.79
C SER C 104 2.93 -4.10 2.65
N ILE C 105 1.61 -4.11 2.76
CA ILE C 105 0.88 -3.12 3.55
C ILE C 105 -0.30 -3.89 4.08
N GLY C 106 -0.60 -3.73 5.35
CA GLY C 106 -1.73 -4.44 5.93
C GLY C 106 -3.01 -3.64 5.83
N LEU C 107 -4.09 -4.31 5.44
CA LEU C 107 -5.38 -3.67 5.36
C LEU C 107 -6.22 -4.18 6.51
N ILE C 108 -6.50 -3.33 7.50
CA ILE C 108 -7.38 -3.71 8.59
C ILE C 108 -8.79 -3.19 8.28
N ASP C 109 -9.72 -4.13 8.12
CA ASP C 109 -11.09 -3.72 7.80
CA ASP C 109 -11.13 -3.86 7.83
C ASP C 109 -11.86 -3.14 8.99
N ALA C 110 -12.81 -2.25 8.66
CA ALA C 110 -13.71 -1.55 9.63
C ALA C 110 -14.23 -2.40 10.76
N GLY C 111 -14.66 -3.60 10.47
CA GLY C 111 -15.05 -4.43 11.64
C GLY C 111 -14.01 -4.53 12.76
N TYR C 112 -12.77 -4.72 12.34
CA TYR C 112 -11.94 -5.78 12.84
C TYR C 112 -11.63 -5.73 14.30
N ARG C 113 -11.76 -6.88 14.96
CA ARG C 113 -11.63 -7.02 16.43
C ARG C 113 -10.50 -7.99 16.90
N GLY C 114 -9.73 -8.54 15.97
CA GLY C 114 -8.61 -9.40 16.37
C GLY C 114 -7.37 -8.60 16.74
N GLU C 115 -6.38 -9.24 17.37
CA GLU C 115 -5.08 -8.66 17.64
C GLU C 115 -4.44 -8.25 16.32
N ILE C 116 -3.89 -7.04 16.23
CA ILE C 116 -3.19 -6.63 15.05
C ILE C 116 -1.88 -7.42 15.04
N ILE C 117 -1.55 -8.05 13.90
CA ILE C 117 -0.33 -8.83 13.72
C ILE C 117 0.55 -8.12 12.70
N ALA C 118 1.85 -7.98 12.92
CA ALA C 118 2.74 -7.59 11.82
C ALA C 118 3.42 -8.87 11.32
N ALA C 119 3.29 -9.23 10.04
CA ALA C 119 3.99 -10.40 9.47
C ALA C 119 5.31 -9.94 8.93
N LEU C 120 6.40 -10.30 9.64
CA LEU C 120 7.72 -9.86 9.25
C LEU C 120 8.59 -10.97 8.62
N ASP C 121 9.05 -10.76 7.39
CA ASP C 121 10.04 -11.63 6.78
C ASP C 121 11.43 -11.24 7.27
N ASN C 122 12.15 -12.17 7.87
CA ASN C 122 13.57 -11.98 8.17
C ASN C 122 14.39 -12.45 6.98
N THR C 123 14.91 -11.50 6.23
CA THR C 123 15.56 -11.87 4.98
C THR C 123 17.00 -12.32 5.21
N SER C 124 17.53 -12.24 6.44
CA SER C 124 18.95 -12.67 6.62
C SER C 124 19.07 -14.15 6.97
N ASP C 125 20.29 -14.67 7.04
CA ASP C 125 20.39 -16.05 7.50
C ASP C 125 20.83 -16.14 8.91
N GLN C 126 21.01 -14.99 9.54
CA GLN C 126 21.13 -14.98 10.99
C GLN C 126 19.72 -14.85 11.58
N GLU C 127 19.51 -15.40 12.77
CA GLU C 127 18.34 -15.03 13.54
C GLU C 127 18.41 -13.55 13.81
N TYR C 128 17.28 -12.95 14.18
CA TYR C 128 17.21 -11.51 14.40
C TYR C 128 16.48 -11.29 15.74
N HIS C 129 16.96 -10.38 16.56
CA HIS C 129 16.26 -10.09 17.80
C HIS C 129 15.49 -8.81 17.71
N ILE C 130 14.19 -8.92 17.81
CA ILE C 130 13.39 -7.76 18.09
C ILE C 130 13.35 -7.71 19.61
N LYS C 131 13.36 -6.49 20.11
CA LYS C 131 13.37 -6.15 21.54
C LYS C 131 12.10 -5.37 21.83
N LYS C 132 11.55 -5.55 23.03
CA LYS C 132 10.44 -4.74 23.53
C LYS C 132 10.71 -3.27 23.37
N ASN C 133 9.69 -2.54 22.94
CA ASN C 133 9.83 -1.15 22.54
C ASN C 133 10.43 -0.87 21.19
N ASP C 134 10.90 -1.86 20.43
CA ASP C 134 11.17 -1.56 19.04
C ASP C 134 9.89 -0.99 18.35
N LYS C 135 10.04 -0.02 17.46
CA LYS C 135 8.91 0.35 16.62
C LYS C 135 9.22 0.07 15.13
N LEU C 136 8.54 -0.94 14.58
CA LEU C 136 8.80 -1.33 13.22
C LEU C 136 7.71 -0.97 12.26
N VAL C 137 6.50 -0.80 12.77
CA VAL C 137 5.31 -0.55 11.96
C VAL C 137 4.44 0.58 12.55
N GLN C 138 3.46 1.04 11.76
CA GLN C 138 2.58 2.12 12.19
C GLN C 138 1.21 1.98 11.56
N LEU C 139 0.18 2.43 12.30
CA LEU C 139 -1.18 2.59 11.74
C LEU C 139 -1.31 3.90 10.99
N VAL C 140 -2.04 3.89 9.90
CA VAL C 140 -2.13 5.05 9.03
C VAL C 140 -3.57 5.06 8.51
N SER C 141 -4.15 6.25 8.32
CA SER C 141 -5.50 6.44 7.73
C SER C 141 -5.48 6.38 6.21
N PHE C 142 -6.51 5.80 5.61
CA PHE C 142 -6.66 5.81 4.16
C PHE C 142 -6.63 7.23 3.57
N THR C 143 -6.79 8.22 4.43
CA THR C 143 -6.81 9.62 3.94
C THR C 143 -5.53 10.36 4.26
N GLY C 144 -4.64 9.77 5.07
CA GLY C 144 -3.40 10.43 5.44
C GLY C 144 -3.59 11.48 6.53
N GLU C 145 -4.77 11.55 7.14
CA GLU C 145 -5.04 12.59 8.12
C GLU C 145 -4.35 12.29 9.43
N PRO C 146 -4.04 13.33 10.22
CA PRO C 146 -3.56 13.19 11.59
C PRO C 146 -4.35 12.13 12.44
N LEU C 147 -3.64 11.35 13.28
CA LEU C 147 -4.24 10.30 14.10
C LEU C 147 -4.21 10.65 15.57
N SER C 148 -5.29 10.35 16.25
CA SER C 148 -5.34 10.54 17.68
C SER C 148 -5.72 9.18 18.23
N PHE C 149 -5.34 8.84 19.45
CA PHE C 149 -5.87 7.59 19.99
C PHE C 149 -6.24 7.69 21.46
N GLU C 150 -6.94 6.69 22.00
CA GLU C 150 -7.09 6.56 23.43
C GLU C 150 -7.17 5.08 23.81
N LEU C 151 -6.74 4.78 25.02
CA LEU C 151 -6.84 3.44 25.53
C LEU C 151 -8.25 3.25 26.03
N VAL C 152 -8.86 2.13 25.64
CA VAL C 152 -10.16 1.75 26.14
C VAL C 152 -10.03 0.31 26.58
N GLU C 153 -10.97 -0.19 27.37
CA GLU C 153 -10.92 -1.54 27.87
C GLU C 153 -11.65 -2.49 26.96
N GLU C 154 -12.46 -1.99 26.05
CA GLU C 154 -13.05 -2.89 25.10
C GLU C 154 -13.46 -2.07 23.89
N LEU C 155 -13.65 -2.72 22.76
CA LEU C 155 -14.09 -2.07 21.53
C LEU C 155 -15.60 -2.11 21.45
N ASP C 156 -16.18 -3.18 21.99
CA ASP C 156 -17.63 -3.41 22.01
C ASP C 156 -17.97 -4.56 22.96
N GLU C 157 -19.20 -5.00 22.88
CA GLU C 157 -19.77 -5.86 23.89
C GLU C 157 -19.41 -7.33 23.72
N THR C 158 -18.83 -7.66 22.57
CA THR C 158 -18.53 -9.07 22.25
C THR C 158 -17.22 -9.50 22.88
N SER C 159 -17.08 -10.81 23.10
CA SER C 159 -15.88 -11.40 23.69
C SER C 159 -14.68 -11.06 22.86
N ARG C 160 -14.84 -11.05 21.53
CA ARG C 160 -13.73 -10.74 20.66
C ARG C 160 -13.44 -9.24 20.80
N GLY C 161 -14.49 -8.44 20.93
CA GLY C 161 -14.36 -7.02 21.37
C GLY C 161 -13.65 -6.76 22.70
N GLU C 162 -13.42 -7.81 23.46
CA GLU C 162 -12.90 -7.73 24.85
C GLU C 162 -13.93 -7.20 25.86
N GLY C 163 -15.18 -6.96 25.44
CA GLY C 163 -16.22 -6.46 26.32
C GLY C 163 -17.23 -7.50 26.80
N GLY C 164 -18.37 -6.99 27.29
CA GLY C 164 -19.44 -7.82 27.82
C GLY C 164 -19.11 -8.64 29.06
N PHE C 165 -20.09 -9.44 29.44
CA PHE C 165 -20.10 -10.17 30.66
C PHE C 165 -18.94 -11.21 30.71
N GLY C 166 -18.46 -11.54 31.92
CA GLY C 166 -17.85 -12.88 32.26
C GLY C 166 -16.64 -13.41 31.51
N ALA D 1 17.33 -15.30 -9.91
CA ALA D 1 17.31 -13.81 -10.12
C ALA D 1 15.89 -13.15 -10.28
N HIS D 2 15.49 -12.23 -9.39
CA HIS D 2 14.20 -11.46 -9.52
C HIS D 2 14.25 -10.48 -10.69
N ALA D 3 13.21 -10.46 -11.55
CA ALA D 3 13.22 -9.73 -12.87
C ALA D 3 12.23 -10.25 -13.91
N1 DU2 E . -0.95 -3.02 -13.38
C2 DU2 E . -1.35 -4.24 -12.99
O2 DU2 E . -2.07 -4.88 -13.75
N3 DU2 E . -0.92 -4.75 -11.76
C4 DU2 E . -0.11 -3.98 -10.93
O4 DU2 E . 0.24 -4.43 -9.84
C5 DU2 E . 0.30 -2.70 -11.31
C6 DU2 E . -0.14 -2.23 -12.53
C1' DU2 E . -1.43 -2.55 -14.68
C17 DU2 E . 2.73 -5.01 -16.45
C18 DU2 E . 3.09 -5.04 -15.10
C19 DU2 E . 2.07 -5.53 -14.27
C2' DU2 E . -1.33 -1.05 -14.73
C20 DU2 E . 2.16 -5.61 -12.90
C21 DU2 E . 3.35 -5.23 -12.33
C22 DU2 E . 4.39 -4.77 -13.15
C23 DU2 E . 4.28 -4.66 -14.53
C24 DU2 E . 3.01 -5.99 -17.45
N25 DU2 E . 2.35 -5.94 -18.62
C26 DU2 E . 2.87 -6.89 -19.62
C27 DU2 E . 3.96 -7.63 -18.89
N28 DU2 E . 3.96 -6.97 -17.58
C29 DU2 E . 4.95 -7.38 -16.68
C3' DU2 E . -0.02 -0.80 -15.40
C4' DU2 E . 0.27 -2.01 -16.28
O4' DU2 E . -0.63 -3.05 -15.80
O41 DU2 E . -0.41 0.23 -16.24
C5' DU2 E . 1.71 -2.62 -16.29
N5' DU2 E . 1.59 -4.06 -16.75
S SO4 F . -6.91 -9.60 4.21
O1 SO4 F . -6.25 -9.53 5.54
O2 SO4 F . -6.73 -10.93 3.57
O3 SO4 F . -8.36 -9.44 4.43
O4 SO4 F . -6.33 -8.42 3.50
N1 DU2 G . 10.92 9.40 3.65
C2 DU2 G . 11.38 9.20 2.37
O2 DU2 G . 12.06 10.05 1.82
N3 DU2 G . 11.08 8.04 1.68
C4 DU2 G . 10.32 7.04 2.26
O4 DU2 G . 10.12 6.03 1.57
C5 DU2 G . 9.84 7.23 3.56
C6 DU2 G . 10.13 8.40 4.26
C1' DU2 G . 11.29 10.70 4.30
C17 DU2 G . 15.21 8.46 6.44
C18 DU2 G . 14.76 7.42 5.55
C19 DU2 G . 14.28 7.62 4.25
C2' DU2 G . 10.28 11.14 5.35
C20 DU2 G . 13.79 6.55 3.46
C21 DU2 G . 13.79 5.24 3.94
C22 DU2 G . 14.26 5.02 5.24
C23 DU2 G . 14.73 6.08 6.02
C24 DU2 G . 16.55 8.83 6.73
N25 DU2 G . 16.82 9.74 7.71
C26 DU2 G . 18.27 10.03 7.84
C27 DU2 G . 18.88 9.14 6.75
N28 DU2 G . 17.71 8.46 6.16
C29 DU2 G . 17.84 7.55 5.07
C3' DU2 G . 10.82 10.46 6.60
C4' DU2 G . 12.35 10.54 6.46
O4' DU2 G . 12.58 10.57 5.01
O41 DU2 G . 10.39 11.14 7.80
C5' DU2 G . 12.80 9.23 7.14
N5' DU2 G . 14.27 9.18 7.40
S SO4 H . 2.93 2.61 -12.96
O1 SO4 H . 4.02 2.24 -12.04
O2 SO4 H . 2.39 1.45 -13.70
O3 SO4 H . 1.77 3.14 -12.18
O4 SO4 H . 3.58 3.57 -13.91
N1 DU2 I . -4.43 -7.81 9.93
C2 DU2 I . -3.38 -7.58 10.74
O2 DU2 I . -3.54 -7.75 11.93
N3 DU2 I . -2.17 -7.19 10.25
C4 DU2 I . -2.05 -7.05 8.90
O4 DU2 I . -0.97 -6.73 8.41
C5 DU2 I . -3.13 -7.28 8.06
C6 DU2 I . -4.34 -7.64 8.58
C1' DU2 I . -5.68 -8.20 10.54
C17 DU2 I . -4.10 -12.82 9.95
C18 DU2 I . -2.95 -12.20 9.46
C19 DU2 I . -2.52 -10.97 9.99
C2' DU2 I . -6.88 -7.85 9.66
C20 DU2 I . -1.35 -10.36 9.50
C21 DU2 I . -0.59 -10.95 8.48
C22 DU2 I . -1.05 -12.17 7.97
C23 DU2 I . -2.20 -12.79 8.43
C24 DU2 I . -4.02 -13.97 10.77
N25 DU2 I . -5.10 -14.60 11.25
C26 DU2 I . -4.75 -15.74 12.13
C27 DU2 I . -3.24 -15.75 12.12
N28 DU2 I . -2.94 -14.59 11.26
C29 DU2 I . -1.60 -14.22 10.99
C3' DU2 I . -7.01 -9.09 8.81
C4' DU2 I . -6.53 -10.23 9.70
O4' DU2 I . -5.58 -9.64 10.65
O41 DU2 I . -8.36 -9.27 8.58
C5' DU2 I . -5.75 -11.16 8.80
N5' DU2 I . -5.49 -12.38 9.59
S SO4 J . 8.29 6.98 8.92
O1 SO4 J . 8.68 6.61 10.33
O2 SO4 J . 8.06 5.78 8.11
O3 SO4 J . 7.03 7.75 8.88
O4 SO4 J . 9.39 7.75 8.30
S SO4 K . -7.77 -12.61 18.26
O1 SO4 K . -7.45 -13.44 19.45
O2 SO4 K . -7.78 -13.29 16.93
O3 SO4 K . -9.12 -12.07 18.55
O4 SO4 K . -6.73 -11.58 18.15
S SO4 L . -14.22 -9.47 13.23
O1 SO4 L . -14.23 -9.92 14.65
O2 SO4 L . -12.95 -9.91 12.61
O3 SO4 L . -15.37 -10.14 12.57
O4 SO4 L . -14.39 -7.98 13.05
#